data_5JSJ
#
_entry.id   5JSJ
#
_cell.length_a   42.790
_cell.length_b   123.827
_cell.length_c   49.663
_cell.angle_alpha   90.000
_cell.angle_beta   92.220
_cell.angle_gamma   90.000
#
_symmetry.space_group_name_H-M   'P 1 21 1'
#
loop_
_entity.id
_entity.type
_entity.pdbx_description
1 polymer Spindlin-1
2 non-polymer [4-(2-pyrrolidin-1-ylethyl)piperidin-1-yl]-[4-[4-(2-pyrrolidin-1-ylethyl)piperidin-1-yl]carbonyl-3-[[4-(pyrrolidin-1-ylmethoxy)phenyl]amino]phenyl]methanone
3 non-polymer 'MAGNESIUM ION'
4 non-polymer 'CHLORIDE ION'
5 water water
#
_entity_poly.entity_id   1
_entity_poly.type   'polypeptide(L)'
_entity_poly.pdbx_seq_one_letter_code
;MHHHHHHGSRRNIVGCRIQHGWKEGNGPVTQWKGTVLDQVPVNPSLYLIKYDGFDCVYGLELNKDERVSALEVLPDRVAT
SRISDAHLADTMIGKAVEHMFETEDGSKDEWRGMVLARAPVMNTWFYITYEKDPVLYMYQLLDDYKEGDLRIMPDSNDSP
PAEREPGEVVDSLVGKQVEYAKEDGSKRTGMVIHQVEAKPSVYFIKFDDDFHIYVYDLVKTS
;
_entity_poly.pdbx_strand_id   A,B
#
loop_
_chem_comp.id
_chem_comp.type
_chem_comp.name
_chem_comp.formula
6PD non-polymer [4-(2-pyrrolidin-1-ylethyl)piperidin-1-yl]-[4-[4-(2-pyrrolidin-1-ylethyl)piperidin-1-yl]carbonyl-3-[[4-(pyrrolidin-1-ylmethoxy)phenyl]amino]phenyl]methanone 'C41 H60 N6 O3'
CL non-polymer 'CHLORIDE ION' 'Cl -1'
MG non-polymer 'MAGNESIUM ION' 'Mg 2'
#
# COMPACT_ATOMS: atom_id res chain seq x y z
N SER A 9 -17.91 21.12 -40.70
CA SER A 9 -17.09 19.93 -40.44
C SER A 9 -17.80 18.95 -39.49
N ARG A 10 -17.34 18.86 -38.24
CA ARG A 10 -17.85 17.88 -37.30
C ARG A 10 -18.61 18.54 -36.16
N ARG A 11 -19.64 17.85 -35.66
CA ARG A 11 -20.42 18.34 -34.53
C ARG A 11 -19.74 17.99 -33.21
N ASN A 12 -20.34 18.43 -32.11
CA ASN A 12 -19.77 18.26 -30.79
C ASN A 12 -20.30 16.95 -30.19
N ILE A 13 -19.41 15.99 -29.97
CA ILE A 13 -19.81 14.65 -29.57
C ILE A 13 -19.57 14.38 -28.08
N VAL A 14 -19.17 15.38 -27.30
CA VAL A 14 -19.01 15.15 -25.86
C VAL A 14 -20.38 14.95 -25.23
N GLY A 15 -20.52 13.88 -24.46
CA GLY A 15 -21.80 13.50 -23.90
C GLY A 15 -22.58 12.52 -24.74
N CYS A 16 -22.14 12.26 -25.97
CA CYS A 16 -22.83 11.38 -26.91
C CYS A 16 -22.21 9.99 -26.91
N ARG A 17 -23.03 9.02 -27.32
CA ARG A 17 -22.60 7.66 -27.62
C ARG A 17 -22.22 7.55 -29.08
N ILE A 18 -21.33 6.60 -29.38
CA ILE A 18 -20.78 6.43 -30.71
C ILE A 18 -20.59 4.95 -30.96
N GLN A 19 -20.47 4.60 -32.25
CA GLN A 19 -19.91 3.32 -32.63
C GLN A 19 -18.96 3.53 -33.78
N HIS A 20 -17.97 2.65 -33.89
CA HIS A 20 -17.02 2.73 -34.99
C HIS A 20 -16.33 1.39 -35.17
N GLY A 21 -15.79 1.18 -36.37
CA GLY A 21 -14.90 0.05 -36.60
C GLY A 21 -13.47 0.33 -36.17
N TRP A 22 -12.72 -0.74 -35.92
CA TRP A 22 -11.35 -0.61 -35.48
C TRP A 22 -10.52 -1.73 -36.08
N LYS A 23 -9.33 -1.40 -36.55
CA LYS A 23 -8.45 -2.37 -37.23
C LYS A 23 -7.09 -2.38 -36.54
N GLU A 24 -6.82 -3.45 -35.80
CA GLU A 24 -5.54 -3.63 -35.12
C GLU A 24 -4.59 -4.42 -36.00
N GLY A 25 -3.40 -3.86 -36.25
CA GLY A 25 -2.46 -4.51 -37.14
C GLY A 25 -3.15 -4.90 -38.42
N ASN A 26 -2.90 -6.13 -38.88
CA ASN A 26 -3.57 -6.67 -40.05
C ASN A 26 -4.72 -7.60 -39.66
N GLY A 27 -5.22 -7.47 -38.45
CA GLY A 27 -6.40 -8.19 -38.04
C GLY A 27 -7.64 -7.60 -38.67
N PRO A 28 -8.76 -8.28 -38.50
CA PRO A 28 -10.02 -7.80 -39.08
C PRO A 28 -10.53 -6.56 -38.37
N VAL A 29 -11.58 -5.98 -38.94
CA VAL A 29 -12.23 -4.82 -38.35
C VAL A 29 -13.19 -5.29 -37.28
N THR A 30 -13.06 -4.73 -36.08
CA THR A 30 -14.00 -5.04 -35.01
C THR A 30 -14.87 -3.82 -34.74
N GLN A 31 -16.07 -4.08 -34.21
CA GLN A 31 -17.08 -3.06 -33.95
C GLN A 31 -17.17 -2.75 -32.47
N TRP A 32 -17.27 -1.47 -32.13
CA TRP A 32 -17.24 -1.00 -30.75
C TRP A 32 -18.33 0.04 -30.54
N LYS A 33 -18.81 0.14 -29.30
CA LYS A 33 -19.69 1.21 -28.85
C LYS A 33 -19.08 1.87 -27.62
N GLY A 34 -19.27 3.17 -27.50
CA GLY A 34 -18.73 3.84 -26.33
C GLY A 34 -19.43 5.14 -26.07
N THR A 35 -19.12 5.71 -24.92
CA THR A 35 -19.60 7.02 -24.50
C THR A 35 -18.44 7.99 -24.50
N VAL A 36 -18.60 9.12 -25.19
CA VAL A 36 -17.58 10.16 -25.26
C VAL A 36 -17.65 10.99 -23.98
N LEU A 37 -16.62 10.92 -23.15
CA LEU A 37 -16.60 11.59 -21.87
C LEU A 37 -16.07 13.02 -21.97
N ASP A 38 -15.11 13.26 -22.86
CA ASP A 38 -14.49 14.57 -22.93
C ASP A 38 -13.76 14.73 -24.25
N GLN A 39 -13.49 15.99 -24.59
CA GLN A 39 -12.64 16.38 -25.72
C GLN A 39 -11.51 17.20 -25.13
N VAL A 40 -10.27 16.78 -25.38
CA VAL A 40 -9.12 17.32 -24.66
C VAL A 40 -8.83 18.76 -25.12
N PRO A 41 -8.99 19.74 -24.23
CA PRO A 41 -8.72 21.14 -24.61
C PRO A 41 -7.43 21.38 -25.38
N VAL A 42 -6.30 20.82 -24.92
CA VAL A 42 -5.01 21.10 -25.56
C VAL A 42 -4.75 20.24 -26.79
N ASN A 43 -5.68 19.38 -27.17
CA ASN A 43 -5.60 18.63 -28.43
C ASN A 43 -7.02 18.21 -28.78
N PRO A 44 -7.79 19.09 -29.42
CA PRO A 44 -9.21 18.84 -29.61
C PRO A 44 -9.48 17.67 -30.53
N SER A 45 -8.43 17.12 -31.14
CA SER A 45 -8.60 15.89 -31.90
C SER A 45 -8.71 14.68 -30.99
N LEU A 46 -8.22 14.76 -29.76
CA LEU A 46 -8.25 13.65 -28.81
C LEU A 46 -9.55 13.65 -28.02
N TYR A 47 -10.26 12.52 -28.03
CA TYR A 47 -11.42 12.30 -27.18
C TYR A 47 -11.14 11.22 -26.14
N LEU A 48 -11.67 11.41 -24.93
CA LEU A 48 -11.64 10.38 -23.90
C LEU A 48 -12.93 9.58 -23.94
N ILE A 49 -12.81 8.26 -24.05
CA ILE A 49 -13.96 7.40 -24.32
C ILE A 49 -14.02 6.29 -23.29
N LYS A 50 -15.23 5.92 -22.90
CA LYS A 50 -15.46 4.70 -22.16
C LYS A 50 -16.20 3.72 -23.07
N TYR A 51 -15.52 2.67 -23.47
CA TYR A 51 -16.13 1.64 -24.30
C TYR A 51 -16.96 0.71 -23.43
N ASP A 52 -18.11 0.29 -23.98
CA ASP A 52 -19.05 -0.54 -23.25
C ASP A 52 -18.37 -1.82 -22.76
N GLY A 53 -18.62 -2.19 -21.52
CA GLY A 53 -18.08 -3.41 -20.96
C GLY A 53 -16.68 -3.30 -20.40
N PHE A 54 -16.03 -2.14 -20.52
CA PHE A 54 -14.69 -1.96 -19.99
C PHE A 54 -14.61 -0.65 -19.22
N ASP A 55 -13.79 -0.62 -18.19
CA ASP A 55 -13.86 0.46 -17.22
C ASP A 55 -12.63 1.36 -17.25
N CYS A 56 -11.81 1.26 -18.28
CA CYS A 56 -10.75 2.25 -18.44
C CYS A 56 -11.20 3.37 -19.38
N VAL A 57 -10.53 4.51 -19.24
CA VAL A 57 -10.78 5.67 -20.08
C VAL A 57 -9.72 5.68 -21.16
N TYR A 58 -10.17 5.64 -22.41
CA TYR A 58 -9.27 5.52 -23.55
C TYR A 58 -9.23 6.82 -24.33
N GLY A 59 -8.05 7.13 -24.84
CA GLY A 59 -7.86 8.34 -25.61
C GLY A 59 -7.67 8.02 -27.07
N LEU A 60 -8.60 8.48 -27.90
CA LEU A 60 -8.53 8.26 -29.33
C LEU A 60 -8.77 9.56 -30.07
N GLU A 61 -7.96 9.79 -31.11
CA GLU A 61 -8.21 10.85 -32.09
C GLU A 61 -9.19 10.26 -33.08
N LEU A 62 -10.47 10.38 -32.74
CA LEU A 62 -11.54 9.68 -33.45
C LEU A 62 -11.60 10.05 -34.93
N ASN A 63 -11.16 11.25 -35.31
CA ASN A 63 -11.29 11.65 -36.71
C ASN A 63 -10.01 11.49 -37.51
N LYS A 64 -8.85 11.64 -36.90
CA LYS A 64 -7.59 11.44 -37.62
C LYS A 64 -7.23 9.97 -37.71
N ASP A 65 -7.26 9.26 -36.58
CA ASP A 65 -6.70 7.92 -36.49
C ASP A 65 -7.25 7.01 -37.58
N GLU A 66 -6.36 6.58 -38.47
CA GLU A 66 -6.76 5.80 -39.64
C GLU A 66 -7.20 4.39 -39.29
N ARG A 67 -6.97 3.94 -38.06
CA ARG A 67 -7.52 2.65 -37.66
C ARG A 67 -9.00 2.75 -37.30
N VAL A 68 -9.53 3.96 -37.18
CA VAL A 68 -10.96 4.19 -36.98
C VAL A 68 -11.66 4.23 -38.35
N SER A 69 -12.78 3.51 -38.46
CA SER A 69 -13.59 3.51 -39.67
C SER A 69 -15.07 3.53 -39.29
N ALA A 70 -15.89 4.06 -40.19
CA ALA A 70 -17.34 3.99 -40.09
C ALA A 70 -17.84 4.60 -38.79
N LEU A 71 -17.16 5.64 -38.35
CA LEU A 71 -17.58 6.36 -37.16
C LEU A 71 -18.99 6.88 -37.31
N GLU A 72 -19.83 6.55 -36.34
CA GLU A 72 -21.24 6.90 -36.37
C GLU A 72 -21.64 7.39 -34.99
N VAL A 73 -22.31 8.54 -34.95
CA VAL A 73 -22.78 9.06 -33.68
C VAL A 73 -24.16 8.46 -33.41
N LEU A 74 -24.29 7.77 -32.29
CA LEU A 74 -25.55 7.13 -31.95
C LEU A 74 -26.56 8.17 -31.50
N PRO A 75 -27.84 7.82 -31.45
CA PRO A 75 -28.84 8.77 -30.94
C PRO A 75 -29.17 8.61 -29.46
N ASP A 76 -28.71 7.54 -28.82
CA ASP A 76 -28.95 7.29 -27.40
C ASP A 76 -28.69 8.52 -26.55
N ARG A 77 -29.57 8.76 -25.59
CA ARG A 77 -29.35 9.73 -24.53
C ARG A 77 -28.99 8.96 -23.25
N VAL A 78 -27.77 9.19 -22.74
CA VAL A 78 -27.35 8.49 -21.53
C VAL A 78 -28.22 8.96 -20.38
N ALA A 79 -28.84 8.01 -19.69
CA ALA A 79 -29.68 8.33 -18.54
C ALA A 79 -28.86 9.11 -17.53
N THR A 80 -29.36 10.28 -17.16
CA THR A 80 -28.66 11.17 -16.24
C THR A 80 -28.89 10.71 -14.81
N SER A 81 -28.35 11.46 -13.85
CA SER A 81 -28.49 11.07 -12.46
C SER A 81 -28.12 12.25 -11.58
N ARG A 82 -28.69 12.26 -10.38
CA ARG A 82 -28.15 12.97 -9.24
C ARG A 82 -27.70 11.95 -8.22
N ILE A 83 -26.56 12.22 -7.59
CA ILE A 83 -25.77 11.16 -6.96
C ILE A 83 -26.33 10.76 -5.60
N SER A 84 -25.79 9.66 -5.05
CA SER A 84 -26.36 9.01 -3.88
C SER A 84 -25.93 9.64 -2.56
N ASP A 85 -24.78 10.33 -2.52
CA ASP A 85 -24.29 10.92 -1.28
C ASP A 85 -23.16 11.89 -1.57
N ALA A 86 -23.48 13.19 -1.68
CA ALA A 86 -22.50 14.16 -2.16
C ALA A 86 -21.32 14.28 -1.21
N HIS A 87 -21.58 14.36 0.10
CA HIS A 87 -20.51 14.56 1.07
C HIS A 87 -19.49 13.43 1.00
N LEU A 88 -19.95 12.19 0.98
CA LEU A 88 -19.05 11.07 0.82
C LEU A 88 -18.25 11.17 -0.49
N ALA A 89 -18.93 11.52 -1.59
CA ALA A 89 -18.22 11.72 -2.85
C ALA A 89 -17.19 12.84 -2.73
N ASP A 90 -17.58 13.98 -2.17
CA ASP A 90 -16.67 15.11 -2.07
C ASP A 90 -15.43 14.76 -1.27
N THR A 91 -15.63 14.13 -0.11
CA THR A 91 -14.52 13.81 0.78
C THR A 91 -13.69 12.63 0.28
N MET A 92 -14.18 11.92 -0.73
CA MET A 92 -13.43 10.79 -1.27
C MET A 92 -12.41 11.21 -2.32
N ILE A 93 -12.66 12.32 -3.00
CA ILE A 93 -11.81 12.73 -4.12
C ILE A 93 -10.48 13.24 -3.61
N GLY A 94 -9.41 12.85 -4.27
CA GLY A 94 -8.07 13.16 -3.80
C GLY A 94 -7.52 12.23 -2.74
N LYS A 95 -8.26 11.20 -2.34
CA LYS A 95 -7.77 10.35 -1.26
C LYS A 95 -7.21 9.05 -1.79
N ALA A 96 -6.17 8.56 -1.13
CA ALA A 96 -5.70 7.21 -1.33
C ALA A 96 -6.74 6.22 -0.81
N VAL A 97 -6.86 5.07 -1.46
CA VAL A 97 -7.90 4.10 -1.17
C VAL A 97 -7.37 2.69 -1.35
N GLU A 98 -8.13 1.73 -0.83
CA GLU A 98 -7.92 0.31 -1.04
C GLU A 98 -9.20 -0.23 -1.67
N HIS A 99 -9.08 -0.76 -2.88
CA HIS A 99 -10.23 -1.18 -3.66
C HIS A 99 -10.22 -2.69 -3.81
N MET A 100 -11.29 -3.32 -3.34
CA MET A 100 -11.39 -4.76 -3.33
C MET A 100 -12.34 -5.22 -4.44
N PHE A 101 -11.94 -6.26 -5.16
CA PHE A 101 -12.71 -6.69 -6.31
C PHE A 101 -12.53 -8.18 -6.52
N GLU A 102 -13.49 -8.77 -7.23
CA GLU A 102 -13.48 -10.19 -7.55
C GLU A 102 -12.81 -10.41 -8.90
N THR A 103 -11.84 -11.32 -8.94
CA THR A 103 -11.13 -11.58 -10.18
C THR A 103 -11.97 -12.44 -11.12
N GLU A 104 -11.42 -12.71 -12.31
CA GLU A 104 -12.05 -13.65 -13.24
C GLU A 104 -12.10 -15.06 -12.64
N ASP A 105 -11.01 -15.47 -11.99
CA ASP A 105 -10.96 -16.75 -11.30
C ASP A 105 -12.03 -16.87 -10.21
N GLY A 106 -12.50 -15.74 -9.67
CA GLY A 106 -13.48 -15.73 -8.60
C GLY A 106 -12.89 -15.32 -7.26
N SER A 107 -11.59 -15.51 -7.06
CA SER A 107 -10.96 -15.08 -5.83
C SER A 107 -11.02 -13.55 -5.71
N LYS A 108 -10.65 -13.05 -4.54
CA LYS A 108 -10.68 -11.62 -4.30
C LYS A 108 -9.27 -11.06 -4.35
N ASP A 109 -9.17 -9.83 -4.85
CA ASP A 109 -7.93 -9.08 -4.93
C ASP A 109 -8.20 -7.68 -4.41
N GLU A 110 -7.16 -7.01 -3.91
CA GLU A 110 -7.28 -5.66 -3.38
C GLU A 110 -6.14 -4.82 -3.93
N TRP A 111 -6.47 -3.69 -4.54
CA TRP A 111 -5.48 -2.80 -5.14
C TRP A 111 -5.49 -1.46 -4.42
N ARG A 112 -4.32 -0.90 -4.26
CA ARG A 112 -4.14 0.46 -3.76
C ARG A 112 -4.27 1.44 -4.92
N GLY A 113 -4.98 2.53 -4.68
CA GLY A 113 -5.11 3.55 -5.68
C GLY A 113 -5.43 4.89 -5.10
N MET A 114 -5.78 5.82 -5.98
CA MET A 114 -6.14 7.18 -5.62
C MET A 114 -7.37 7.60 -6.41
N VAL A 115 -8.37 8.15 -5.72
CA VAL A 115 -9.54 8.69 -6.39
C VAL A 115 -9.21 10.08 -6.91
N LEU A 116 -9.49 10.31 -8.19
CA LEU A 116 -9.01 11.49 -8.91
C LEU A 116 -10.08 12.57 -9.03
N ALA A 117 -11.27 12.22 -9.49
CA ALA A 117 -12.31 13.22 -9.70
C ALA A 117 -13.61 12.48 -9.95
N ARG A 118 -14.70 13.23 -9.96
CA ARG A 118 -15.95 12.75 -10.49
C ARG A 118 -15.82 12.65 -12.01
N ALA A 119 -16.30 11.56 -12.58
CA ALA A 119 -16.23 11.47 -14.04
C ALA A 119 -17.23 12.44 -14.65
N PRO A 120 -16.92 12.97 -15.84
CA PRO A 120 -17.91 13.73 -16.60
C PRO A 120 -18.99 12.82 -17.17
N VAL A 121 -20.11 13.44 -17.56
CA VAL A 121 -21.14 12.78 -18.35
C VAL A 121 -21.82 11.71 -17.51
N MET A 122 -21.06 10.73 -17.06
CA MET A 122 -21.58 9.63 -16.24
C MET A 122 -21.37 10.01 -14.77
N ASN A 123 -22.41 10.60 -14.16
CA ASN A 123 -22.31 11.28 -12.86
C ASN A 123 -21.99 10.34 -11.71
N THR A 124 -22.46 9.11 -11.75
CA THR A 124 -22.24 8.24 -10.62
C THR A 124 -20.91 7.50 -10.69
N TRP A 125 -19.99 7.91 -11.58
CA TRP A 125 -18.72 7.23 -11.79
C TRP A 125 -17.57 8.15 -11.40
N PHE A 126 -16.44 7.55 -11.04
CA PHE A 126 -15.30 8.28 -10.52
C PHE A 126 -14.03 7.89 -11.24
N TYR A 127 -13.24 8.90 -11.59
CA TYR A 127 -11.88 8.65 -12.04
C TYR A 127 -11.04 8.12 -10.88
N ILE A 128 -10.26 7.08 -11.14
CA ILE A 128 -9.39 6.49 -10.15
C ILE A 128 -8.25 5.80 -10.90
N THR A 129 -7.07 5.83 -10.32
CA THR A 129 -5.92 5.11 -10.85
C THR A 129 -5.31 4.27 -9.73
N TYR A 130 -4.37 3.40 -10.09
CA TYR A 130 -3.88 2.36 -9.20
C TYR A 130 -2.37 2.24 -9.28
N GLU A 131 -1.77 1.78 -8.19
CA GLU A 131 -0.32 1.59 -8.18
C GLU A 131 0.11 0.46 -9.10
N LYS A 132 -0.66 -0.63 -9.15
CA LYS A 132 -0.32 -1.74 -10.02
C LYS A 132 -0.57 -1.45 -11.49
N ASP A 133 -1.30 -0.38 -11.81
CA ASP A 133 -1.65 -0.05 -13.18
C ASP A 133 -1.95 1.43 -13.29
N PRO A 134 -0.94 2.24 -13.47
CA PRO A 134 -1.14 3.69 -13.33
C PRO A 134 -1.82 4.32 -14.51
N VAL A 135 -2.99 3.82 -14.89
CA VAL A 135 -3.75 4.46 -15.95
C VAL A 135 -5.12 4.82 -15.40
N LEU A 136 -5.96 5.40 -16.25
CA LEU A 136 -7.20 6.03 -15.80
C LEU A 136 -8.33 5.01 -15.90
N TYR A 137 -8.83 4.58 -14.76
CA TYR A 137 -10.03 3.76 -14.65
C TYR A 137 -11.21 4.61 -14.23
N MET A 138 -12.39 3.99 -14.24
CA MET A 138 -13.56 4.64 -13.69
C MET A 138 -14.51 3.57 -13.19
N TYR A 139 -15.03 3.80 -11.98
CA TYR A 139 -15.90 2.86 -11.28
C TYR A 139 -16.95 3.65 -10.51
N GLN A 140 -18.08 3.00 -10.25
CA GLN A 140 -19.11 3.57 -9.38
C GLN A 140 -18.69 3.32 -7.93
N LEU A 141 -17.86 4.24 -7.41
CA LEU A 141 -17.20 3.97 -6.15
C LEU A 141 -18.14 4.06 -4.96
N LEU A 142 -19.17 4.92 -5.04
CA LEU A 142 -20.11 5.03 -3.92
C LEU A 142 -20.73 3.68 -3.59
N ASP A 143 -21.01 2.87 -4.60
CA ASP A 143 -21.59 1.56 -4.35
C ASP A 143 -20.57 0.58 -3.76
N ASP A 144 -19.36 0.54 -4.32
CA ASP A 144 -18.31 -0.29 -3.72
C ASP A 144 -18.02 0.13 -2.29
N TYR A 145 -18.13 1.43 -2.01
CA TYR A 145 -17.98 1.89 -0.63
C TYR A 145 -19.05 1.29 0.26
N LYS A 146 -20.32 1.44 -0.13
CA LYS A 146 -21.41 0.92 0.71
C LYS A 146 -21.35 -0.59 0.81
N GLU A 147 -20.91 -1.27 -0.24
CA GLU A 147 -20.74 -2.71 -0.15
C GLU A 147 -19.55 -3.11 0.74
N GLY A 148 -18.76 -2.16 1.23
CA GLY A 148 -17.59 -2.49 2.00
C GLY A 148 -16.38 -2.93 1.18
N ASP A 149 -16.32 -2.57 -0.10
CA ASP A 149 -15.21 -2.96 -0.94
C ASP A 149 -14.25 -1.82 -1.21
N LEU A 150 -14.42 -0.70 -0.55
CA LEU A 150 -13.55 0.45 -0.71
C LEU A 150 -13.30 1.08 0.65
N ARG A 151 -12.04 1.35 0.95
CA ARG A 151 -11.71 1.98 2.21
C ARG A 151 -10.84 3.19 1.92
N ILE A 152 -11.12 4.27 2.60
CA ILE A 152 -10.33 5.48 2.51
C ILE A 152 -9.16 5.38 3.48
N MET A 153 -7.96 5.88 3.04
CA MET A 153 -6.73 5.83 3.82
C MET A 153 -6.43 7.19 4.45
N PRO A 154 -5.73 7.21 5.59
CA PRO A 154 -5.34 8.49 6.18
C PRO A 154 -4.29 9.20 5.33
N ASP A 155 -4.39 10.53 5.31
CA ASP A 155 -3.57 11.36 4.44
C ASP A 155 -2.10 11.33 4.84
N SER A 172 0.05 24.17 -15.00
CA SER A 172 0.95 24.88 -15.90
C SER A 172 1.60 23.93 -16.89
N LEU A 173 1.80 22.67 -16.48
CA LEU A 173 2.42 21.68 -17.35
C LEU A 173 1.53 21.22 -18.49
N VAL A 174 0.21 21.49 -18.42
CA VAL A 174 -0.68 20.98 -19.44
C VAL A 174 -0.29 21.55 -20.81
N GLY A 175 -0.33 20.69 -21.83
CA GLY A 175 0.05 21.05 -23.18
C GLY A 175 1.50 20.81 -23.53
N LYS A 176 2.34 20.54 -22.55
CA LYS A 176 3.77 20.42 -22.79
C LYS A 176 4.14 19.01 -23.24
N GLN A 177 5.11 18.93 -24.12
CA GLN A 177 5.61 17.63 -24.55
C GLN A 177 6.52 17.07 -23.48
N VAL A 178 6.55 15.75 -23.37
CA VAL A 178 7.26 15.11 -22.28
C VAL A 178 7.65 13.71 -22.74
N GLU A 179 8.70 13.15 -22.14
CA GLU A 179 9.08 11.78 -22.44
C GLU A 179 9.49 11.05 -21.18
N TYR A 180 9.17 9.76 -21.14
CA TYR A 180 9.34 8.93 -19.96
C TYR A 180 10.40 7.89 -20.31
N ALA A 181 11.58 8.02 -19.72
CA ALA A 181 12.68 7.09 -19.94
C ALA A 181 12.40 5.81 -19.17
N LYS A 182 12.12 4.72 -19.88
CA LYS A 182 11.81 3.44 -19.24
C LYS A 182 12.79 2.38 -19.74
N GLU A 183 13.83 2.13 -18.95
CA GLU A 183 14.73 1.01 -19.19
C GLU A 183 14.00 -0.30 -18.89
N ASP A 184 14.45 -1.41 -19.50
CA ASP A 184 15.58 -1.44 -20.42
C ASP A 184 15.23 -0.99 -21.82
N GLY A 185 16.15 -0.25 -22.43
CA GLY A 185 15.99 0.13 -23.81
C GLY A 185 15.45 1.52 -24.03
N SER A 186 14.25 1.62 -24.59
CA SER A 186 13.78 2.85 -25.20
C SER A 186 12.94 3.66 -24.21
N LYS A 187 12.26 4.68 -24.74
CA LYS A 187 11.44 5.61 -23.98
C LYS A 187 10.11 5.75 -24.69
N ARG A 188 9.18 6.44 -24.05
CA ARG A 188 7.90 6.82 -24.64
C ARG A 188 7.78 8.34 -24.61
N THR A 189 7.23 8.90 -25.67
CA THR A 189 6.97 10.33 -25.75
C THR A 189 5.47 10.57 -25.75
N GLY A 190 5.07 11.79 -25.36
CA GLY A 190 3.66 12.11 -25.29
C GLY A 190 3.43 13.51 -24.79
N MET A 191 2.17 13.81 -24.46
CA MET A 191 1.76 15.12 -24.02
C MET A 191 1.00 15.06 -22.70
N VAL A 192 1.24 16.06 -21.85
CA VAL A 192 0.44 16.26 -20.64
C VAL A 192 -0.87 16.92 -21.04
N ILE A 193 -1.99 16.29 -20.70
CA ILE A 193 -3.28 16.77 -21.20
C ILE A 193 -4.18 17.32 -20.11
N HIS A 194 -3.97 17.01 -18.84
CA HIS A 194 -4.90 17.43 -17.81
C HIS A 194 -4.20 17.48 -16.46
N GLN A 195 -4.54 18.49 -15.68
CA GLN A 195 -4.09 18.59 -14.30
C GLN A 195 -5.26 18.28 -13.36
N VAL A 196 -5.04 17.33 -12.46
CA VAL A 196 -6.07 16.96 -11.49
C VAL A 196 -6.21 18.08 -10.47
N GLU A 197 -7.42 18.66 -10.39
CA GLU A 197 -7.64 19.79 -9.49
C GLU A 197 -7.47 19.41 -8.04
N ALA A 198 -7.94 18.21 -7.66
CA ALA A 198 -7.87 17.79 -6.26
C ALA A 198 -6.44 17.51 -5.81
N LYS A 199 -5.53 17.20 -6.73
CA LYS A 199 -4.11 17.04 -6.39
C LYS A 199 -3.32 17.62 -7.55
N PRO A 200 -3.02 18.93 -7.51
CA PRO A 200 -2.48 19.60 -8.70
C PRO A 200 -1.14 19.08 -9.16
N SER A 201 -0.46 18.26 -8.37
CA SER A 201 0.80 17.67 -8.80
C SER A 201 0.62 16.46 -9.70
N VAL A 202 -0.61 15.99 -9.88
CA VAL A 202 -0.90 14.79 -10.67
C VAL A 202 -1.44 15.20 -12.04
N TYR A 203 -1.02 14.49 -13.08
CA TYR A 203 -1.40 14.85 -14.43
C TYR A 203 -1.79 13.62 -15.22
N PHE A 204 -2.67 13.84 -16.19
CA PHE A 204 -2.96 12.83 -17.19
C PHE A 204 -1.94 12.99 -18.33
N ILE A 205 -1.50 11.87 -18.89
CA ILE A 205 -0.53 11.90 -19.96
C ILE A 205 -1.00 10.98 -21.09
N LYS A 206 -1.08 11.52 -22.30
CA LYS A 206 -1.32 10.73 -23.51
C LYS A 206 0.03 10.46 -24.20
N PHE A 207 0.41 9.18 -24.25
CA PHE A 207 1.60 8.75 -25.00
C PHE A 207 1.22 8.30 -26.39
N ASP A 208 2.13 8.54 -27.33
CA ASP A 208 1.96 8.09 -28.71
C ASP A 208 2.02 6.58 -28.80
N ASP A 209 1.18 6.02 -29.67
CA ASP A 209 1.08 4.57 -29.86
C ASP A 209 0.61 3.85 -28.59
N ASP A 210 -0.19 4.53 -27.77
CA ASP A 210 -0.88 3.88 -26.66
C ASP A 210 -2.14 4.68 -26.40
N PHE A 211 -3.28 4.00 -26.29
CA PHE A 211 -4.55 4.68 -26.11
C PHE A 211 -5.04 4.72 -24.67
N HIS A 212 -4.25 4.22 -23.71
CA HIS A 212 -4.61 4.49 -22.32
C HIS A 212 -4.27 5.94 -21.97
N ILE A 213 -4.88 6.42 -20.88
CA ILE A 213 -4.52 7.69 -20.26
C ILE A 213 -3.69 7.37 -19.02
N TYR A 214 -2.45 7.82 -19.00
CA TYR A 214 -1.56 7.58 -17.88
C TYR A 214 -1.68 8.68 -16.85
N VAL A 215 -1.51 8.30 -15.58
CA VAL A 215 -1.69 9.22 -14.46
C VAL A 215 -0.41 9.18 -13.65
N TYR A 216 0.31 10.30 -13.63
CA TYR A 216 1.57 10.37 -12.91
C TYR A 216 1.60 11.59 -12.01
N ASP A 217 2.30 11.47 -10.90
CA ASP A 217 2.58 12.58 -9.99
C ASP A 217 3.92 13.17 -10.41
N LEU A 218 3.92 14.42 -10.85
CA LEU A 218 5.11 15.02 -11.43
C LEU A 218 5.87 15.91 -10.46
N VAL A 219 5.74 15.63 -9.15
CA VAL A 219 6.41 16.37 -8.05
C VAL A 219 6.67 17.84 -8.35
N GLY B 8 23.62 -6.59 44.12
CA GLY B 8 24.14 -7.92 43.84
C GLY B 8 24.42 -8.12 42.37
N SER B 9 25.34 -9.03 42.05
CA SER B 9 25.67 -9.34 40.67
C SER B 9 24.80 -10.50 40.20
N ARG B 10 24.17 -10.34 39.04
CA ARG B 10 23.30 -11.38 38.49
C ARG B 10 23.76 -11.74 37.09
N ARG B 11 23.45 -12.96 36.67
CA ARG B 11 23.66 -13.31 35.28
C ARG B 11 22.69 -12.54 34.40
N ASN B 12 23.15 -12.15 33.22
CA ASN B 12 22.29 -11.42 32.30
C ASN B 12 21.54 -12.42 31.43
N ILE B 13 20.32 -12.03 31.03
CA ILE B 13 19.38 -12.97 30.44
C ILE B 13 19.31 -12.88 28.92
N VAL B 14 20.10 -12.00 28.29
CA VAL B 14 20.03 -11.91 26.85
C VAL B 14 20.47 -13.22 26.22
N GLY B 15 19.64 -13.74 25.32
CA GLY B 15 19.88 -15.02 24.67
C GLY B 15 19.23 -16.19 25.34
N CYS B 16 18.69 -16.03 26.56
CA CYS B 16 18.08 -17.13 27.27
C CYS B 16 16.57 -17.13 27.09
N ARG B 17 15.98 -18.30 27.25
CA ARG B 17 14.55 -18.44 27.41
C ARG B 17 14.17 -18.25 28.88
N ILE B 18 13.07 -17.54 29.12
CA ILE B 18 12.61 -17.21 30.46
C ILE B 18 11.15 -17.64 30.62
N GLN B 19 10.70 -17.56 31.86
CA GLN B 19 9.32 -17.83 32.25
C GLN B 19 8.97 -16.84 33.34
N HIS B 20 7.77 -16.27 33.30
CA HIS B 20 7.42 -15.36 34.39
C HIS B 20 5.91 -15.21 34.48
N GLY B 21 5.47 -14.76 35.66
CA GLY B 21 4.08 -14.46 35.86
C GLY B 21 3.74 -13.04 35.44
N TRP B 22 2.46 -12.83 35.16
CA TRP B 22 2.01 -11.52 34.72
C TRP B 22 0.64 -11.24 35.30
N LYS B 23 0.48 -10.04 35.89
CA LYS B 23 -0.76 -9.64 36.55
C LYS B 23 -1.12 -8.23 36.11
N GLU B 24 -2.34 -8.05 35.61
CA GLU B 24 -2.80 -6.74 35.16
C GLU B 24 -4.04 -6.36 35.97
N GLY B 25 -3.97 -5.20 36.62
CA GLY B 25 -5.07 -4.75 37.47
C GLY B 25 -5.50 -5.82 38.45
N ASN B 26 -6.80 -6.12 38.44
CA ASN B 26 -7.40 -7.10 39.34
C ASN B 26 -7.46 -8.51 38.75
N GLY B 27 -6.90 -8.72 37.55
CA GLY B 27 -6.89 -10.03 36.94
C GLY B 27 -6.01 -11.01 37.68
N PRO B 28 -6.19 -12.30 37.42
CA PRO B 28 -5.33 -13.32 38.02
C PRO B 28 -3.92 -13.25 37.43
N VAL B 29 -2.99 -13.93 38.08
CA VAL B 29 -1.63 -14.04 37.55
C VAL B 29 -1.64 -15.04 36.41
N THR B 30 -1.07 -14.65 35.26
CA THR B 30 -0.95 -15.55 34.11
C THR B 30 0.51 -15.88 33.84
N GLN B 31 0.73 -17.00 33.15
CA GLN B 31 2.05 -17.60 32.99
C GLN B 31 2.51 -17.52 31.54
N TRP B 32 3.75 -17.07 31.33
CA TRP B 32 4.29 -16.79 30.00
C TRP B 32 5.72 -17.31 29.86
N LYS B 33 6.00 -17.95 28.74
CA LYS B 33 7.35 -18.33 28.33
C LYS B 33 7.81 -17.45 27.17
N GLY B 34 9.09 -17.12 27.14
CA GLY B 34 9.57 -16.26 26.08
C GLY B 34 11.06 -16.37 25.89
N THR B 35 11.53 -15.75 24.80
CA THR B 35 12.95 -15.71 24.46
C THR B 35 13.43 -14.27 24.50
N VAL B 36 14.50 -14.02 25.25
CA VAL B 36 15.03 -12.66 25.39
C VAL B 36 15.96 -12.41 24.21
N LEU B 37 15.60 -11.45 23.37
CA LEU B 37 16.32 -11.22 22.12
C LEU B 37 17.44 -10.20 22.28
N ASP B 38 17.24 -9.21 23.13
CA ASP B 38 18.18 -8.10 23.19
C ASP B 38 17.96 -7.33 24.48
N GLN B 39 18.86 -6.40 24.73
CA GLN B 39 18.77 -5.44 25.81
C GLN B 39 19.11 -4.09 25.22
N VAL B 40 18.24 -3.11 25.46
CA VAL B 40 18.41 -1.80 24.83
C VAL B 40 19.62 -1.11 25.46
N PRO B 41 20.58 -0.65 24.67
CA PRO B 41 21.71 0.07 25.27
C PRO B 41 21.28 1.35 25.94
N VAL B 42 20.30 2.04 25.38
CA VAL B 42 19.92 3.35 25.90
C VAL B 42 19.19 3.22 27.21
N ASN B 43 18.49 2.11 27.42
CA ASN B 43 17.79 1.83 28.67
C ASN B 43 18.01 0.35 29.03
N PRO B 44 19.12 0.04 29.70
CA PRO B 44 19.44 -1.37 29.97
C PRO B 44 18.40 -2.10 30.81
N SER B 45 17.43 -1.37 31.38
CA SER B 45 16.31 -2.02 32.06
C SER B 45 15.30 -2.62 31.10
N LEU B 46 15.29 -2.17 29.84
CA LEU B 46 14.28 -2.64 28.89
C LEU B 46 14.84 -3.81 28.10
N TYR B 47 14.11 -4.91 28.06
CA TYR B 47 14.48 -6.08 27.28
C TYR B 47 13.51 -6.28 26.13
N LEU B 48 14.00 -6.89 25.06
CA LEU B 48 13.18 -7.23 23.91
C LEU B 48 12.96 -8.73 23.93
N ILE B 49 11.69 -9.15 23.90
CA ILE B 49 11.32 -10.53 24.17
C ILE B 49 10.39 -11.02 23.07
N LYS B 50 10.53 -12.28 22.70
CA LYS B 50 9.54 -12.94 21.86
C LYS B 50 8.82 -13.97 22.72
N TYR B 51 7.53 -13.77 22.92
CA TYR B 51 6.76 -14.71 23.73
C TYR B 51 6.32 -15.90 22.89
N ASP B 52 6.36 -17.08 23.48
CA ASP B 52 6.07 -18.31 22.77
C ASP B 52 4.70 -18.25 22.11
N GLY B 53 4.68 -18.43 20.79
CA GLY B 53 3.45 -18.48 20.03
C GLY B 53 2.97 -17.16 19.48
N PHE B 54 3.78 -16.11 19.57
CA PHE B 54 3.39 -14.80 19.10
C PHE B 54 4.60 -14.17 18.41
N ASP B 55 4.35 -13.47 17.31
CA ASP B 55 5.44 -13.11 16.41
C ASP B 55 5.70 -11.62 16.38
N CYS B 56 5.44 -10.95 17.51
CA CYS B 56 5.84 -9.58 17.73
C CYS B 56 6.95 -9.51 18.77
N VAL B 57 7.71 -8.43 18.72
CA VAL B 57 8.74 -8.17 19.70
C VAL B 57 8.19 -7.22 20.75
N TYR B 58 8.23 -7.64 22.01
CA TYR B 58 7.70 -6.85 23.09
C TYR B 58 8.83 -6.30 23.94
N GLY B 59 8.62 -5.11 24.47
CA GLY B 59 9.56 -4.53 25.40
C GLY B 59 9.02 -4.52 26.81
N LEU B 60 9.73 -5.17 27.73
CA LEU B 60 9.35 -5.19 29.14
C LEU B 60 10.58 -4.97 30.00
N GLU B 61 10.46 -4.04 30.95
CA GLU B 61 11.50 -3.91 31.98
C GLU B 61 11.31 -5.09 32.94
N LEU B 62 11.94 -6.21 32.58
CA LEU B 62 11.66 -7.48 33.23
C LEU B 62 11.97 -7.49 34.71
N ASN B 63 12.86 -6.60 35.19
CA ASN B 63 13.25 -6.59 36.59
C ASN B 63 12.66 -5.44 37.38
N LYS B 64 12.07 -4.43 36.73
CA LYS B 64 11.50 -3.29 37.46
C LYS B 64 9.99 -3.22 37.39
N ASP B 65 9.37 -3.96 36.48
CA ASP B 65 7.93 -3.86 36.25
C ASP B 65 7.19 -4.68 37.31
N GLU B 66 6.47 -3.98 38.20
CA GLU B 66 5.75 -4.64 39.30
C GLU B 66 4.72 -5.65 38.81
N ARG B 67 4.31 -5.58 37.55
CA ARG B 67 3.36 -6.57 37.04
C ARG B 67 4.02 -7.93 36.83
N VAL B 68 5.36 -7.96 36.79
CA VAL B 68 6.09 -9.20 36.58
C VAL B 68 6.32 -9.89 37.91
N SER B 69 6.15 -11.20 37.94
CA SER B 69 6.45 -11.96 39.13
C SER B 69 7.14 -13.27 38.77
N ALA B 70 7.92 -13.79 39.72
CA ALA B 70 8.52 -15.12 39.64
C ALA B 70 9.33 -15.30 38.36
N LEU B 71 10.18 -14.32 38.06
CA LEU B 71 11.01 -14.38 36.86
C LEU B 71 12.02 -15.51 36.99
N GLU B 72 12.09 -16.35 35.98
CA GLU B 72 12.88 -17.58 36.04
C GLU B 72 13.46 -17.88 34.66
N VAL B 73 14.73 -18.27 34.61
CA VAL B 73 15.36 -18.62 33.34
C VAL B 73 15.34 -20.13 33.17
N LEU B 74 14.99 -20.58 32.00
CA LEU B 74 14.89 -21.99 31.70
C LEU B 74 16.22 -22.54 31.21
N PRO B 75 16.41 -23.87 31.20
CA PRO B 75 17.64 -24.43 30.63
C PRO B 75 17.62 -24.61 29.11
N ASP B 76 16.48 -24.40 28.47
CA ASP B 76 16.41 -24.41 27.02
C ASP B 76 17.47 -23.49 26.41
N ARG B 77 18.16 -24.00 25.40
CA ARG B 77 19.02 -23.19 24.54
C ARG B 77 18.37 -23.07 23.16
N VAL B 78 18.12 -21.83 22.72
CA VAL B 78 17.63 -21.62 21.36
C VAL B 78 18.61 -22.19 20.35
N ALA B 79 18.10 -23.02 19.44
CA ALA B 79 18.93 -23.61 18.40
C ALA B 79 19.38 -22.52 17.42
N THR B 80 20.65 -22.57 17.03
CA THR B 80 21.23 -21.62 16.09
C THR B 80 21.47 -22.36 14.78
N SER B 81 20.48 -22.35 13.91
CA SER B 81 20.58 -23.03 12.62
C SER B 81 21.55 -22.26 11.72
N ARG B 82 21.64 -22.71 10.46
CA ARG B 82 22.42 -22.04 9.44
C ARG B 82 21.49 -21.65 8.31
N ILE B 83 21.62 -20.41 7.84
CA ILE B 83 20.67 -19.84 6.90
C ILE B 83 20.64 -20.69 5.63
N SER B 84 19.42 -20.98 5.16
CA SER B 84 19.25 -21.87 4.01
C SER B 84 19.36 -21.14 2.66
N ASP B 85 19.50 -19.82 2.66
CA ASP B 85 19.70 -19.06 1.44
C ASP B 85 20.29 -17.70 1.77
N ALA B 86 21.62 -17.65 1.98
CA ALA B 86 22.24 -16.44 2.50
C ALA B 86 22.06 -15.28 1.53
N HIS B 87 22.12 -15.55 0.22
CA HIS B 87 21.95 -14.48 -0.75
C HIS B 87 20.59 -13.82 -0.60
N LEU B 88 19.53 -14.62 -0.71
CA LEU B 88 18.18 -14.15 -0.43
C LEU B 88 18.12 -13.35 0.86
N ALA B 89 18.56 -13.98 1.97
CA ALA B 89 18.46 -13.34 3.27
C ALA B 89 19.08 -11.95 3.26
N ASP B 90 20.34 -11.87 2.84
CA ASP B 90 21.06 -10.60 2.86
C ASP B 90 20.41 -9.56 1.93
N THR B 91 19.90 -9.98 0.77
CA THR B 91 19.30 -9.03 -0.16
C THR B 91 17.90 -8.58 0.25
N MET B 92 17.25 -9.28 1.17
CA MET B 92 15.93 -8.83 1.66
C MET B 92 16.03 -7.61 2.57
N ILE B 93 17.12 -7.49 3.32
CA ILE B 93 17.18 -6.48 4.38
C ILE B 93 16.96 -5.10 3.78
N GLY B 94 15.98 -4.37 4.30
CA GLY B 94 15.71 -3.02 3.84
C GLY B 94 14.73 -2.91 2.67
N LYS B 95 14.15 -4.01 2.23
CA LYS B 95 13.28 -4.01 1.06
C LYS B 95 11.82 -3.94 1.48
N ALA B 96 11.04 -3.22 0.68
CA ALA B 96 9.58 -3.25 0.78
C ALA B 96 9.04 -4.55 0.22
N VAL B 97 8.03 -5.11 0.89
CA VAL B 97 7.54 -6.45 0.58
C VAL B 97 6.02 -6.48 0.68
N GLU B 98 5.43 -7.50 0.05
CA GLU B 98 4.04 -7.88 0.21
C GLU B 98 4.01 -9.28 0.81
N HIS B 99 3.44 -9.42 2.01
CA HIS B 99 3.47 -10.65 2.78
C HIS B 99 2.08 -11.28 2.81
N MET B 100 1.95 -12.45 2.19
CA MET B 100 0.67 -13.16 2.11
C MET B 100 0.51 -14.11 3.30
N PHE B 101 -0.72 -14.27 3.78
CA PHE B 101 -0.94 -15.12 4.94
C PHE B 101 -2.43 -15.45 5.08
N GLU B 102 -2.71 -16.49 5.87
CA GLU B 102 -4.07 -16.91 6.18
C GLU B 102 -4.52 -16.38 7.54
N THR B 103 -5.81 -16.07 7.65
CA THR B 103 -6.42 -15.66 8.91
C THR B 103 -6.92 -16.89 9.66
N GLU B 104 -7.44 -16.66 10.88
CA GLU B 104 -8.18 -17.68 11.61
C GLU B 104 -9.37 -18.16 10.80
N ASP B 105 -9.93 -17.31 9.94
CA ASP B 105 -11.07 -17.65 9.09
C ASP B 105 -10.66 -18.34 7.79
N GLY B 106 -9.37 -18.58 7.58
CA GLY B 106 -8.93 -19.15 6.32
C GLY B 106 -8.96 -18.11 5.22
N SER B 107 -9.44 -16.92 5.54
CA SER B 107 -9.33 -15.79 4.63
C SER B 107 -7.86 -15.47 4.38
N LYS B 108 -7.52 -15.21 3.12
CA LYS B 108 -6.16 -14.86 2.74
C LYS B 108 -6.07 -13.34 2.60
N ASP B 109 -5.16 -12.73 3.35
CA ASP B 109 -4.93 -11.30 3.35
C ASP B 109 -3.45 -11.06 3.05
N GLU B 110 -3.14 -9.87 2.57
CA GLU B 110 -1.77 -9.56 2.16
C GLU B 110 -1.44 -8.17 2.67
N TRP B 111 -0.30 -8.04 3.33
CA TRP B 111 0.07 -6.81 4.02
C TRP B 111 1.37 -6.27 3.48
N ARG B 112 1.43 -4.96 3.35
CA ARG B 112 2.62 -4.26 2.90
C ARG B 112 3.56 -4.04 4.07
N GLY B 113 4.84 -4.31 3.86
CA GLY B 113 5.79 -4.17 4.94
C GLY B 113 7.19 -3.84 4.49
N MET B 114 8.12 -3.90 5.43
CA MET B 114 9.53 -3.65 5.15
C MET B 114 10.38 -4.54 6.03
N VAL B 115 11.29 -5.29 5.41
CA VAL B 115 12.25 -6.11 6.16
C VAL B 115 13.31 -5.20 6.73
N LEU B 116 13.64 -5.41 8.01
CA LEU B 116 14.52 -4.50 8.77
C LEU B 116 15.88 -5.09 9.10
N ALA B 117 15.94 -6.37 9.48
CA ALA B 117 17.19 -7.01 9.84
C ALA B 117 16.94 -8.48 10.12
N ARG B 118 18.03 -9.24 10.16
CA ARG B 118 18.00 -10.54 10.81
C ARG B 118 17.78 -10.35 12.31
N ALA B 119 16.89 -11.16 12.85
CA ALA B 119 16.62 -11.12 14.27
C ALA B 119 17.85 -11.66 15.01
N PRO B 120 18.19 -11.07 16.16
CA PRO B 120 19.24 -11.67 16.99
C PRO B 120 18.76 -12.94 17.67
N VAL B 121 19.72 -13.72 18.18
CA VAL B 121 19.45 -14.92 18.97
C VAL B 121 18.74 -15.99 18.16
N MET B 122 17.64 -15.64 17.52
CA MET B 122 16.87 -16.58 16.69
C MET B 122 17.22 -16.23 15.26
N ASN B 123 18.32 -16.80 14.77
CA ASN B 123 18.96 -16.20 13.61
C ASN B 123 18.28 -16.53 12.29
N THR B 124 17.33 -17.46 12.25
CA THR B 124 16.53 -17.67 11.04
C THR B 124 15.27 -16.80 10.99
N TRP B 125 15.05 -15.95 11.98
CA TRP B 125 13.91 -15.04 11.98
C TRP B 125 14.36 -13.65 11.51
N PHE B 126 13.40 -12.87 11.05
CA PHE B 126 13.69 -11.56 10.47
C PHE B 126 12.81 -10.50 11.12
N TYR B 127 13.41 -9.40 11.53
CA TYR B 127 12.65 -8.23 11.93
C TYR B 127 11.91 -7.67 10.73
N ILE B 128 10.65 -7.28 10.93
CA ILE B 128 9.84 -6.74 9.87
C ILE B 128 8.73 -5.91 10.48
N THR B 129 8.31 -4.87 9.77
CA THR B 129 7.22 -4.02 10.21
C THR B 129 6.26 -3.82 9.05
N TYR B 130 5.05 -3.37 9.36
CA TYR B 130 3.97 -3.30 8.41
C TYR B 130 3.28 -1.93 8.45
N GLU B 131 2.74 -1.53 7.30
CA GLU B 131 2.06 -0.24 7.22
C GLU B 131 0.76 -0.23 8.01
N LYS B 132 -0.01 -1.32 7.97
CA LYS B 132 -1.27 -1.42 8.71
C LYS B 132 -1.06 -1.58 10.22
N ASP B 133 0.17 -1.84 10.66
CA ASP B 133 0.49 -2.13 12.05
C ASP B 133 1.98 -1.86 12.27
N PRO B 134 2.36 -0.61 12.44
CA PRO B 134 3.77 -0.22 12.36
C PRO B 134 4.57 -0.54 13.62
N VAL B 135 4.51 -1.79 14.07
CA VAL B 135 5.29 -2.24 15.22
C VAL B 135 6.24 -3.35 14.80
N LEU B 136 7.00 -3.87 15.76
CA LEU B 136 8.07 -4.80 15.45
C LEU B 136 7.53 -6.23 15.43
N TYR B 137 7.59 -6.88 14.27
CA TYR B 137 7.26 -8.28 14.11
C TYR B 137 8.54 -9.04 13.78
N MET B 138 8.45 -10.37 13.86
CA MET B 138 9.55 -11.19 13.38
C MET B 138 8.96 -12.47 12.80
N TYR B 139 9.52 -12.91 11.66
CA TYR B 139 9.04 -14.08 10.93
C TYR B 139 10.20 -14.78 10.26
N GLN B 140 10.02 -16.07 9.99
CA GLN B 140 10.99 -16.84 9.21
C GLN B 140 10.71 -16.59 7.73
N LEU B 141 11.19 -15.44 7.24
CA LEU B 141 10.75 -14.97 5.93
C LEU B 141 11.26 -15.84 4.77
N LEU B 142 12.43 -16.49 4.91
CA LEU B 142 12.90 -17.38 3.85
C LEU B 142 11.90 -18.48 3.54
N ASP B 143 11.25 -19.02 4.57
CA ASP B 143 10.26 -20.06 4.33
C ASP B 143 9.04 -19.49 3.62
N ASP B 144 8.60 -18.28 3.99
CA ASP B 144 7.47 -17.68 3.31
C ASP B 144 7.78 -17.40 1.86
N TYR B 145 8.99 -16.90 1.60
CA TYR B 145 9.38 -16.61 0.23
C TYR B 145 9.36 -17.86 -0.64
N LYS B 146 9.98 -18.93 -0.15
CA LYS B 146 10.04 -20.18 -0.91
C LYS B 146 8.65 -20.77 -1.10
N GLU B 147 7.73 -20.52 -0.17
CA GLU B 147 6.34 -20.95 -0.36
C GLU B 147 5.52 -20.00 -1.24
N GLY B 148 6.11 -18.92 -1.74
CA GLY B 148 5.36 -18.04 -2.60
C GLY B 148 4.57 -16.96 -1.91
N ASP B 149 4.70 -16.83 -0.59
CA ASP B 149 3.92 -15.90 0.20
C ASP B 149 4.61 -14.58 0.44
N LEU B 150 5.85 -14.41 -0.02
CA LEU B 150 6.58 -13.17 0.17
C LEU B 150 7.03 -12.67 -1.19
N ARG B 151 6.68 -11.44 -1.53
CA ARG B 151 7.11 -10.82 -2.77
C ARG B 151 7.84 -9.54 -2.43
N ILE B 152 9.03 -9.38 -2.98
CA ILE B 152 9.87 -8.22 -2.72
C ILE B 152 9.63 -7.16 -3.78
N MET B 153 9.36 -5.93 -3.34
CA MET B 153 9.13 -4.77 -4.20
C MET B 153 10.46 -4.10 -4.53
N PRO B 154 10.51 -3.27 -5.61
CA PRO B 154 11.78 -2.68 -6.05
C PRO B 154 12.35 -1.63 -5.11
N ASP B 171 23.19 12.54 13.39
CA ASP B 171 23.52 11.23 12.89
C ASP B 171 22.52 10.17 13.33
N SER B 172 22.29 10.10 14.65
CA SER B 172 21.44 9.08 15.24
C SER B 172 20.57 9.73 16.30
N LEU B 173 19.24 9.71 16.10
CA LEU B 173 18.31 10.27 17.07
C LEU B 173 18.09 9.36 18.28
N VAL B 174 18.86 8.27 18.40
CA VAL B 174 18.63 7.30 19.46
C VAL B 174 18.95 7.92 20.80
N GLY B 175 17.98 7.89 21.72
CA GLY B 175 18.08 8.53 23.02
C GLY B 175 17.11 9.68 23.19
N LYS B 176 16.74 10.35 22.12
CA LYS B 176 15.81 11.45 22.27
C LYS B 176 14.40 10.91 22.53
N GLN B 177 13.50 11.82 22.89
CA GLN B 177 12.11 11.49 23.12
C GLN B 177 11.27 12.02 21.97
N VAL B 178 10.14 11.37 21.73
CA VAL B 178 9.19 11.78 20.70
C VAL B 178 7.79 11.79 21.29
N GLU B 179 6.97 12.72 20.83
CA GLU B 179 5.59 12.83 21.29
C GLU B 179 4.66 12.86 20.11
N TYR B 180 3.55 12.11 20.22
CA TYR B 180 2.56 12.00 19.16
C TYR B 180 1.16 12.16 19.74
N ALA B 181 0.20 12.39 18.85
CA ALA B 181 -1.19 12.59 19.21
C ALA B 181 -1.97 11.33 18.82
N LYS B 182 -2.37 10.56 19.82
CA LYS B 182 -3.29 9.45 19.59
C LYS B 182 -4.68 10.01 19.34
N GLU B 183 -5.46 9.32 18.52
CA GLU B 183 -6.72 9.88 18.03
C GLU B 183 -7.68 10.15 19.18
N ASP B 184 -8.47 11.22 19.00
CA ASP B 184 -9.33 11.82 20.03
C ASP B 184 -8.52 12.67 21.01
N GLY B 185 -7.44 13.29 20.52
CA GLY B 185 -6.76 14.36 21.22
C GLY B 185 -5.85 13.95 22.36
N SER B 186 -5.65 12.65 22.59
CA SER B 186 -4.74 12.21 23.63
C SER B 186 -3.30 12.24 23.11
N LYS B 187 -2.34 12.31 24.02
CA LYS B 187 -0.92 12.43 23.68
C LYS B 187 -0.14 11.23 24.20
N ARG B 188 0.82 10.78 23.39
CA ARG B 188 1.69 9.66 23.69
C ARG B 188 3.13 10.12 23.79
N THR B 189 3.92 9.43 24.60
CA THR B 189 5.32 9.74 24.79
C THR B 189 6.13 8.47 24.72
N GLY B 190 7.33 8.59 24.14
CA GLY B 190 8.21 7.44 24.02
C GLY B 190 9.64 7.84 23.77
N MET B 191 10.51 6.84 23.88
CA MET B 191 11.94 7.02 23.68
C MET B 191 12.36 6.34 22.39
N VAL B 192 13.39 6.88 21.75
CA VAL B 192 13.99 6.27 20.56
C VAL B 192 15.11 5.34 21.03
N ILE B 193 14.94 4.04 20.82
CA ILE B 193 15.83 3.06 21.42
C ILE B 193 16.78 2.39 20.42
N HIS B 194 16.52 2.46 19.13
CA HIS B 194 17.42 1.77 18.20
C HIS B 194 17.27 2.31 16.79
N GLN B 195 18.38 2.37 16.07
CA GLN B 195 18.40 2.84 14.69
C GLN B 195 18.59 1.65 13.74
N VAL B 196 17.68 1.49 12.81
CA VAL B 196 17.76 0.37 11.89
C VAL B 196 18.94 0.57 10.94
N GLU B 197 19.94 -0.31 11.05
CA GLU B 197 21.17 -0.14 10.28
C GLU B 197 20.91 -0.09 8.78
N ALA B 198 19.96 -0.90 8.28
CA ALA B 198 19.73 -0.93 6.84
C ALA B 198 19.08 0.34 6.33
N LYS B 199 18.16 0.92 7.08
CA LYS B 199 17.47 2.14 6.67
C LYS B 199 17.56 3.12 7.84
N PRO B 200 18.67 3.85 7.95
CA PRO B 200 18.97 4.54 9.21
C PRO B 200 18.11 5.76 9.48
N SER B 201 17.11 6.06 8.65
CA SER B 201 16.09 7.01 9.06
C SER B 201 14.97 6.34 9.87
N VAL B 202 15.01 5.02 10.02
CA VAL B 202 13.95 4.27 10.68
C VAL B 202 14.44 3.88 12.07
N TYR B 203 13.61 4.13 13.08
CA TYR B 203 14.00 3.86 14.46
C TYR B 203 12.95 2.99 15.14
N PHE B 204 13.41 2.24 16.14
CA PHE B 204 12.52 1.60 17.11
C PHE B 204 12.15 2.63 18.17
N ILE B 205 10.91 2.57 18.64
CA ILE B 205 10.40 3.52 19.62
C ILE B 205 9.59 2.75 20.67
N LYS B 206 9.86 3.04 21.94
CA LYS B 206 9.14 2.44 23.07
C LYS B 206 8.24 3.51 23.69
N PHE B 207 6.94 3.27 23.73
CA PHE B 207 6.01 4.19 24.38
C PHE B 207 5.63 3.65 25.75
N ASP B 208 5.30 4.57 26.66
CA ASP B 208 4.81 4.13 27.96
C ASP B 208 3.40 3.56 27.82
N ASP B 209 3.06 2.65 28.74
CA ASP B 209 1.74 2.03 28.76
C ASP B 209 1.48 1.23 27.50
N ASP B 210 2.55 0.85 26.81
CA ASP B 210 2.44 0.07 25.59
C ASP B 210 3.67 -0.80 25.54
N PHE B 211 3.48 -2.10 25.44
CA PHE B 211 4.64 -2.98 25.39
C PHE B 211 5.00 -3.41 23.97
N HIS B 212 4.40 -2.79 22.93
CA HIS B 212 4.89 -2.99 21.57
C HIS B 212 6.12 -2.14 21.31
N ILE B 213 6.89 -2.53 20.29
CA ILE B 213 8.00 -1.75 19.78
C ILE B 213 7.53 -1.11 18.48
N TYR B 214 7.40 0.22 18.46
CA TYR B 214 6.94 0.88 17.25
C TYR B 214 8.12 1.16 16.33
N VAL B 215 7.80 1.24 15.04
CA VAL B 215 8.80 1.38 13.98
C VAL B 215 8.33 2.51 13.08
N TYR B 216 9.03 3.63 13.11
CA TYR B 216 8.63 4.87 12.46
C TYR B 216 9.82 5.44 11.71
N ASP B 217 9.53 6.16 10.63
CA ASP B 217 10.53 6.88 9.85
C ASP B 217 10.60 8.30 10.41
N LEU B 218 11.71 8.65 11.05
CA LEU B 218 11.81 9.85 11.86
C LEU B 218 12.41 11.03 11.09
N VAL B 219 12.29 11.05 9.77
CA VAL B 219 12.77 12.19 9.00
C VAL B 219 11.79 12.53 7.91
C13 6PD C . -10.24 -1.73 -25.84
C15 6PD C . -10.70 -3.86 -24.53
C17 6PD C . -9.54 0.41 -26.92
C20 6PD C . -11.73 0.75 -29.85
C21 6PD C . -10.44 1.40 -30.22
C22 6PD C . -9.37 0.75 -29.34
C26 6PD C . -8.74 -2.33 -19.75
C28 6PD C . -7.00 -1.76 -18.42
O01 6PD C . -12.17 -7.32 -18.75
C02 6PD C . -11.02 -6.92 -18.70
C03 6PD C . -10.40 -6.40 -19.95
C04 6PD C . -10.09 -5.06 -20.19
C05 6PD C . -9.49 -4.73 -21.46
C06 6PD C . -9.20 -5.61 -22.48
C07 6PD C . -9.54 -6.94 -22.22
C08 6PD C . -10.12 -7.29 -20.99
C09 6PD C . -8.59 -5.05 -23.75
N10 6PD C . -9.30 -4.25 -24.63
C11 6PD C . -8.62 -3.68 -25.81
C12 6PD C . -8.76 -2.14 -25.81
C14 6PD C . -10.94 -2.37 -24.67
C16 6PD C . -10.47 -0.21 -25.88
N18 6PD C . -10.01 -0.06 -28.29
C19 6PD C . -11.49 0.08 -28.50
O23 6PD C . -7.41 -5.22 -24.02
N24 6PD C . -10.27 -4.05 -19.25
C25 6PD C . -9.23 -3.26 -18.89
C27 6PD C . -7.63 -1.60 -19.52
C29 6PD C . -7.46 -2.69 -17.54
C30 6PD C . -8.54 -3.44 -17.82
O31 6PD C . -5.92 -1.04 -18.22
C32 6PD C . -4.78 -1.85 -18.76
N33 6PD C . -4.08 -2.73 -17.60
C34 6PD C . -4.76 -4.03 -17.22
C35 6PD C . -3.77 -4.78 -16.30
C36 6PD C . -2.41 -4.37 -16.87
C37 6PD C . -2.69 -3.22 -17.89
N38 6PD C . -10.42 -6.95 -17.43
C39 6PD C . -11.14 -7.44 -16.25
C40 6PD C . -11.36 -6.30 -15.25
C41 6PD C . -10.14 -5.40 -15.01
C42 6PD C . -8.88 -5.95 -15.67
C43 6PD C . -9.09 -6.50 -17.09
C44 6PD C . -9.82 -5.26 -13.55
C45 6PD C . -9.12 -3.95 -13.24
N46 6PD C . -9.75 -3.34 -11.99
C47 6PD C . -10.71 -4.17 -11.23
C48 6PD C . -10.97 -3.37 -9.94
C49 6PD C . -9.70 -2.55 -9.72
C50 6PD C . -8.81 -2.81 -10.97
MG MG D . -2.39 -4.44 -0.64
CL CL E . -1.73 -2.85 -4.75
C13 6PD F . 1.39 -10.65 24.84
C15 6PD F . -0.12 -11.90 23.26
C17 6PD F . 2.99 -9.18 26.17
C20 6PD F . 3.58 -11.12 29.26
C21 6PD F . 3.79 -9.65 29.57
C22 6PD F . 2.87 -8.87 28.62
C26 6PD F . 0.62 -9.40 18.63
C28 6PD F . 0.67 -7.63 17.19
O01 6PD F . -2.29 -14.69 17.41
C02 6PD F . -2.37 -13.47 17.35
C03 6PD F . -2.25 -12.72 18.60
C04 6PD F . -1.18 -11.87 18.94
C05 6PD F . -1.25 -11.23 20.21
C06 6PD F . -2.25 -11.38 21.13
C07 6PD F . -3.26 -12.24 20.79
C08 6PD F . -3.25 -12.87 19.57
C09 6PD F . -2.13 -10.62 22.44
N10 6PD F . -1.13 -10.86 23.37
C11 6PD F . -1.04 -10.04 24.61
C12 6PD F . 0.36 -9.51 24.84
C14 6PD F . 1.29 -11.46 23.58
C16 6PD F . 2.84 -10.18 25.04
N18 6PD F . 2.47 -9.77 27.49
C19 6PD F . 3.00 -11.14 27.82
O23 6PD F . -2.89 -9.70 22.70
N24 6PD F . -0.10 -11.58 18.08
C25 6PD F . 0.19 -10.30 17.69
C27 6PD F . 0.84 -8.11 18.40
C29 6PD F . 0.21 -8.50 16.24
C30 6PD F . -0.03 -9.81 16.50
O31 6PD F . 0.87 -6.34 17.03
C32 6PD F . -0.42 -5.71 17.57
N33 6PD F . -1.48 -5.42 16.45
C34 6PD F . -2.20 -6.60 15.88
C35 6PD F . -3.31 -6.04 14.98
C36 6PD F . -3.71 -4.75 15.71
C37 6PD F . -2.62 -4.54 16.82
N38 6PD F . -2.56 -12.89 16.07
C39 6PD F . -2.62 -13.69 14.88
C40 6PD F . -1.44 -13.37 13.94
C41 6PD F . -1.23 -11.89 13.63
C42 6PD F . -2.28 -11.04 14.32
C43 6PD F . -2.65 -11.48 15.76
C44 6PD F . -1.26 -11.58 12.13
C45 6PD F . -0.43 -10.34 11.76
N46 6PD F . 0.66 -10.71 10.76
C47 6PD F . 0.44 -11.99 10.05
C48 6PD F . 1.28 -11.94 8.77
C49 6PD F . 1.58 -10.45 8.56
C50 6PD F . 0.90 -9.71 9.72
CL CL G . -1.26 -3.26 3.44
#